data_8CU2
#
_entry.id   8CU2
#
_cell.length_a   68.816
_cell.length_b   68.816
_cell.length_c   90.365
_cell.angle_alpha   90.000
_cell.angle_beta   90.000
_cell.angle_gamma   90.000
#
_symmetry.space_group_name_H-M   'I 4'
#
loop_
_entity.id
_entity.type
_entity.pdbx_description
1 polymer 'Potassium channel protein'
2 branched alpha-D-glucopyranose-(1-4)-alpha-D-glucopyranose
3 non-polymer (4S)-2-METHYL-2,4-PENTANEDIOL
4 non-polymer 'POTASSIUM ION'
5 water water
#
_entity_poly.entity_id   1
_entity_poly.type   'polypeptide(L)'
_entity_poly.pdbx_seq_one_letter_code
;AKDKEFQVLFVLTILTLISGTIFYSTVEGLRPIDALYFSVVTLTTVGYGDFSPQTDFGKIFTILYIFIGIGLVFGFIHKL
AVNVQLPSILSNLVPR
;
_entity_poly.pdbx_strand_id   A,B
#
loop_
_chem_comp.id
_chem_comp.type
_chem_comp.name
_chem_comp.formula
GLC D-saccharide, alpha linking alpha-D-glucopyranose 'C6 H12 O6'
K non-polymer 'POTASSIUM ION' 'K 1'
MPD non-polymer (4S)-2-METHYL-2,4-PENTANEDIOL 'C6 H14 O2'
#
# COMPACT_ATOMS: atom_id res chain seq x y z
N LYS A 2 27.85 34.86 -7.93
N LYS A 2 27.84 34.92 -7.95
CA LYS A 2 27.49 33.83 -6.95
CA LYS A 2 27.51 33.86 -7.00
C LYS A 2 25.98 33.69 -6.81
C LYS A 2 26.00 33.70 -6.85
N ASP A 3 25.25 34.79 -6.98
CA ASP A 3 23.80 34.68 -7.13
C ASP A 3 23.45 33.85 -8.34
N LYS A 4 24.29 33.90 -9.39
CA LYS A 4 24.05 33.10 -10.59
C LYS A 4 24.58 31.69 -10.43
N GLU A 5 25.59 31.49 -9.57
CA GLU A 5 25.96 30.13 -9.19
C GLU A 5 24.87 29.52 -8.32
N PHE A 6 24.30 30.30 -7.40
CA PHE A 6 23.16 29.81 -6.62
C PHE A 6 21.97 29.53 -7.53
N GLN A 7 21.68 30.45 -8.46
CA GLN A 7 20.49 30.30 -9.30
C GLN A 7 20.54 29.01 -10.11
N VAL A 8 21.70 28.70 -10.71
CA VAL A 8 21.78 27.50 -11.54
C VAL A 8 21.45 26.27 -10.70
N LEU A 9 22.09 26.13 -9.54
CA LEU A 9 21.81 24.94 -8.73
C LEU A 9 20.38 24.96 -8.23
N PHE A 10 19.88 26.14 -7.86
CA PHE A 10 18.50 26.23 -7.40
C PHE A 10 17.56 25.67 -8.45
N VAL A 11 17.70 26.14 -9.70
CA VAL A 11 16.87 25.63 -10.78
C VAL A 11 17.06 24.13 -10.94
N LEU A 12 18.31 23.67 -10.97
CA LEU A 12 18.57 22.25 -11.21
C LEU A 12 17.94 21.38 -10.13
N THR A 13 17.94 21.86 -8.88
N THR A 13 17.95 21.84 -8.88
CA THR A 13 17.31 21.11 -7.81
CA THR A 13 17.29 21.07 -7.83
C THR A 13 15.80 21.01 -8.03
C THR A 13 15.79 21.03 -8.05
N ILE A 14 15.16 22.14 -8.37
N ILE A 14 15.20 22.16 -8.42
CA ILE A 14 13.72 22.14 -8.59
CA ILE A 14 13.76 22.21 -8.69
C ILE A 14 13.37 21.20 -9.74
C ILE A 14 13.40 21.22 -9.80
N LEU A 15 14.13 21.25 -10.83
N LEU A 15 14.15 21.26 -10.90
CA LEU A 15 13.88 20.35 -11.95
CA LEU A 15 13.88 20.33 -11.99
C LEU A 15 14.02 18.90 -11.49
C LEU A 15 14.05 18.88 -11.54
N THR A 16 14.99 18.63 -10.61
CA THR A 16 15.20 17.26 -10.15
C THR A 16 14.03 16.79 -9.29
N LEU A 17 13.53 17.65 -8.40
CA LEU A 17 12.40 17.28 -7.56
C LEU A 17 11.13 17.20 -8.40
N ILE A 18 10.91 18.17 -9.28
CA ILE A 18 9.82 18.08 -10.21
C ILE A 18 9.84 16.70 -10.85
N SER A 19 11.00 16.15 -11.22
N SER A 19 11.01 16.24 -11.30
CA SER A 19 10.91 14.91 -11.99
CA SER A 19 11.12 14.98 -12.01
C SER A 19 10.51 13.73 -11.12
C SER A 19 10.56 13.82 -11.18
N GLY A 20 11.16 13.56 -9.96
N GLY A 20 11.05 13.67 -9.94
CA GLY A 20 10.70 12.60 -8.97
CA GLY A 20 10.62 12.56 -9.10
C GLY A 20 9.23 12.69 -8.63
C GLY A 20 9.17 12.69 -8.66
N THR A 21 8.72 13.92 -8.39
CA THR A 21 7.29 14.10 -8.20
C THR A 21 6.48 13.43 -9.32
N ILE A 22 6.89 13.62 -10.60
CA ILE A 22 6.13 13.11 -11.73
C ILE A 22 6.22 11.59 -11.80
N PHE A 23 7.43 11.04 -11.62
CA PHE A 23 7.56 9.59 -11.70
C PHE A 23 6.80 8.90 -10.56
N TYR A 24 7.00 9.37 -9.34
CA TYR A 24 6.43 8.67 -8.20
C TYR A 24 4.92 8.84 -8.14
N SER A 25 4.40 9.97 -8.61
N SER A 25 4.40 9.97 -8.60
N SER A 25 4.40 9.94 -8.66
CA SER A 25 2.95 10.15 -8.64
CA SER A 25 2.95 10.13 -8.63
CA SER A 25 2.95 10.12 -8.77
C SER A 25 2.31 9.33 -9.74
C SER A 25 2.32 9.20 -9.67
C SER A 25 2.39 9.26 -9.90
N THR A 26 3.05 9.02 -10.80
N THR A 26 3.01 9.00 -10.79
CA THR A 26 2.51 8.25 -11.93
CA THR A 26 2.44 8.22 -11.88
C THR A 26 2.67 6.75 -11.70
C THR A 26 2.65 6.73 -11.68
N VAL A 27 3.89 6.30 -11.46
CA VAL A 27 4.18 4.87 -11.43
C VAL A 27 3.86 4.25 -10.06
N GLU A 28 4.14 4.97 -8.97
CA GLU A 28 3.92 4.44 -7.64
C GLU A 28 2.60 4.88 -7.03
N GLY A 29 1.89 5.80 -7.66
CA GLY A 29 0.54 6.12 -7.25
C GLY A 29 0.42 7.10 -6.11
N LEU A 30 1.47 7.87 -5.82
CA LEU A 30 1.43 8.84 -4.75
C LEU A 30 0.68 10.09 -5.18
N ARG A 31 0.05 10.75 -4.22
CA ARG A 31 -0.43 12.11 -4.45
C ARG A 31 0.75 12.98 -4.86
N PRO A 32 0.52 14.02 -5.65
CA PRO A 32 1.64 14.91 -6.01
C PRO A 32 2.37 15.47 -4.80
N ILE A 33 1.67 15.74 -3.71
CA ILE A 33 2.35 16.30 -2.53
C ILE A 33 3.22 15.24 -1.88
N ASP A 34 2.74 13.99 -1.83
CA ASP A 34 3.51 12.93 -1.19
C ASP A 34 4.69 12.50 -2.07
N ALA A 35 4.57 12.65 -3.38
CA ALA A 35 5.69 12.36 -4.26
C ALA A 35 6.82 13.37 -4.05
N LEU A 36 6.50 14.66 -4.04
CA LEU A 36 7.53 15.67 -3.80
C LEU A 36 8.21 15.43 -2.45
N TYR A 37 7.39 15.28 -1.40
CA TYR A 37 7.90 14.94 -0.08
C TYR A 37 8.83 13.74 -0.14
N PHE A 38 8.36 12.64 -0.75
CA PHE A 38 9.21 11.46 -0.83
C PHE A 38 10.49 11.75 -1.61
N SER A 39 10.40 12.55 -2.66
CA SER A 39 11.59 12.88 -3.44
C SER A 39 12.60 13.64 -2.59
N VAL A 40 12.13 14.57 -1.75
CA VAL A 40 13.03 15.36 -0.94
C VAL A 40 13.65 14.51 0.15
N VAL A 41 12.84 13.66 0.80
CA VAL A 41 13.32 12.78 1.86
C VAL A 41 14.30 11.77 1.31
N THR A 42 14.18 11.42 0.04
CA THR A 42 15.07 10.47 -0.62
C THR A 42 16.42 11.16 -0.85
N LEU A 43 16.49 12.22 -1.64
CA LEU A 43 17.73 12.80 -2.11
C LEU A 43 18.56 13.46 -1.01
N THR A 44 17.95 13.81 0.12
CA THR A 44 18.72 14.34 1.25
C THR A 44 19.23 13.24 2.17
N THR A 45 18.91 11.99 1.88
CA THR A 45 19.34 10.83 2.65
C THR A 45 18.74 10.80 4.04
N VAL A 46 17.63 11.50 4.28
CA VAL A 46 16.90 11.34 5.53
C VAL A 46 16.27 9.96 5.56
N GLY A 47 15.32 9.73 4.66
CA GLY A 47 14.81 8.38 4.40
C GLY A 47 13.89 7.78 5.45
N TYR A 48 12.83 8.49 5.81
CA TYR A 48 11.92 7.99 6.85
C TYR A 48 11.39 6.61 6.50
N GLY A 49 10.97 6.41 5.26
CA GLY A 49 10.36 5.17 4.89
C GLY A 49 8.88 5.08 5.18
N ASP A 50 8.23 6.20 5.53
CA ASP A 50 6.78 6.24 5.50
C ASP A 50 6.26 5.96 4.09
N PHE A 51 7.03 6.34 3.06
CA PHE A 51 6.76 5.96 1.68
C PHE A 51 8.02 5.34 1.09
N SER A 52 7.85 4.25 0.36
CA SER A 52 8.93 3.54 -0.32
C SER A 52 8.36 2.91 -1.58
N PRO A 53 9.17 2.72 -2.62
CA PRO A 53 8.64 2.22 -3.89
C PRO A 53 8.30 0.73 -3.82
N GLN A 54 7.12 0.38 -4.34
CA GLN A 54 6.64 -1.00 -4.27
C GLN A 54 6.81 -1.76 -5.58
N THR A 55 6.88 -1.06 -6.71
CA THR A 55 7.09 -1.71 -8.01
C THR A 55 8.58 -1.84 -8.30
N ASP A 56 8.91 -2.79 -9.18
CA ASP A 56 10.31 -2.96 -9.58
C ASP A 56 10.79 -1.78 -10.41
N PHE A 57 9.92 -1.25 -11.26
N PHE A 57 9.93 -1.22 -11.26
CA PHE A 57 10.24 -0.03 -12.01
CA PHE A 57 10.27 0.03 -11.93
C PHE A 57 10.55 1.12 -11.05
C PHE A 57 10.64 1.10 -10.92
N GLY A 58 9.82 1.21 -9.94
N GLY A 58 9.80 1.28 -9.90
CA GLY A 58 10.10 2.24 -8.95
CA GLY A 58 10.08 2.27 -8.86
C GLY A 58 11.44 2.02 -8.24
C GLY A 58 11.42 2.04 -8.18
N LYS A 59 11.71 0.78 -7.84
CA LYS A 59 12.98 0.50 -7.18
C LYS A 59 14.16 0.81 -8.09
N ILE A 60 14.07 0.41 -9.37
CA ILE A 60 15.15 0.70 -10.30
C ILE A 60 15.35 2.21 -10.46
N PHE A 61 14.26 2.97 -10.58
CA PHE A 61 14.42 4.40 -10.79
C PHE A 61 15.01 5.08 -9.57
N THR A 62 14.69 4.56 -8.38
CA THR A 62 15.21 5.15 -7.14
C THR A 62 16.72 4.96 -7.05
N ILE A 63 17.23 3.83 -7.51
CA ILE A 63 18.68 3.61 -7.55
C ILE A 63 19.34 4.73 -8.37
N LEU A 64 18.87 4.93 -9.60
CA LEU A 64 19.45 5.95 -10.46
C LEU A 64 19.18 7.36 -9.95
N TYR A 65 17.98 7.60 -9.43
CA TYR A 65 17.63 8.93 -8.94
C TYR A 65 18.54 9.33 -7.80
N ILE A 66 18.77 8.42 -6.86
CA ILE A 66 19.66 8.67 -5.74
C ILE A 66 21.06 9.03 -6.24
N PHE A 67 21.62 8.21 -7.15
CA PHE A 67 23.00 8.44 -7.57
C PHE A 67 23.13 9.74 -8.35
N ILE A 68 22.16 10.03 -9.23
N ILE A 68 22.18 10.01 -9.25
CA ILE A 68 22.20 11.27 -9.99
CA ILE A 68 22.29 11.12 -10.19
C ILE A 68 21.83 12.46 -9.12
C ILE A 68 21.84 12.44 -9.57
N GLY A 69 20.95 12.27 -8.14
N GLY A 69 21.12 12.41 -8.45
CA GLY A 69 20.36 13.38 -7.42
CA GLY A 69 20.58 13.62 -7.88
C GLY A 69 21.10 13.89 -6.20
C GLY A 69 21.22 14.04 -6.57
N ILE A 70 21.86 13.02 -5.53
N ILE A 70 21.69 13.07 -5.79
CA ILE A 70 22.48 13.41 -4.27
CA ILE A 70 22.20 13.37 -4.46
C ILE A 70 23.51 14.52 -4.50
C ILE A 70 23.32 14.41 -4.53
N GLY A 71 24.40 14.31 -5.48
N GLY A 71 24.10 14.40 -5.61
CA GLY A 71 25.43 15.31 -5.75
CA GLY A 71 25.16 15.38 -5.74
C GLY A 71 24.86 16.69 -5.98
C GLY A 71 24.62 16.78 -5.98
N LEU A 72 23.78 16.78 -6.76
N LEU A 72 23.68 16.92 -6.91
CA LEU A 72 23.13 18.06 -6.99
CA LEU A 72 23.09 18.21 -7.20
C LEU A 72 22.57 18.62 -5.69
C LEU A 72 22.40 18.79 -5.96
N VAL A 73 21.65 17.88 -5.07
N VAL A 73 21.82 17.94 -5.12
CA VAL A 73 20.92 18.40 -3.91
CA VAL A 73 21.03 18.42 -3.99
C VAL A 73 21.89 18.95 -2.88
C VAL A 73 21.93 18.79 -2.82
N PHE A 74 22.91 18.18 -2.54
N PHE A 74 23.01 18.04 -2.61
CA PHE A 74 23.84 18.61 -1.51
CA PHE A 74 23.97 18.43 -1.58
C PHE A 74 24.79 19.69 -1.97
C PHE A 74 24.73 19.69 -1.98
N GLY A 75 24.93 19.90 -3.28
CA GLY A 75 25.66 21.06 -3.74
C GLY A 75 24.85 22.33 -3.58
N PHE A 76 23.55 22.25 -3.89
CA PHE A 76 22.67 23.38 -3.63
C PHE A 76 22.70 23.75 -2.15
N ILE A 77 22.47 22.78 -1.27
CA ILE A 77 22.46 23.04 0.16
C ILE A 77 23.74 23.71 0.60
N HIS A 78 24.85 23.31 -0.02
CA HIS A 78 26.19 23.82 0.32
C HIS A 78 26.27 25.29 -0.04
N LYS A 79 25.84 25.57 -1.26
CA LYS A 79 25.75 26.90 -1.86
C LYS A 79 24.88 27.73 -0.92
N LEU A 80 23.69 27.26 -0.58
CA LEU A 80 22.68 27.93 0.23
C LEU A 80 23.26 28.31 1.59
N ALA A 81 23.96 27.39 2.24
N ALA A 81 23.94 27.38 2.25
CA ALA A 81 24.49 27.65 3.57
CA ALA A 81 24.50 27.66 3.56
C ALA A 81 25.64 28.64 3.54
C ALA A 81 25.58 28.73 3.49
N VAL A 82 26.44 28.61 2.47
N VAL A 82 26.48 28.64 2.51
CA VAL A 82 27.65 29.43 2.42
CA VAL A 82 27.65 29.50 2.50
C VAL A 82 27.37 30.81 1.83
C VAL A 82 27.35 30.85 1.86
N ASN A 83 26.59 30.87 0.76
CA ASN A 83 26.36 32.11 0.03
C ASN A 83 25.07 32.82 0.41
N VAL A 84 24.19 32.23 1.21
CA VAL A 84 22.95 32.90 1.55
C VAL A 84 22.80 32.98 3.07
N GLN A 85 22.81 31.82 3.74
CA GLN A 85 22.58 31.81 5.18
C GLN A 85 23.70 32.53 5.92
N LEU A 86 24.94 32.16 5.65
CA LEU A 86 26.06 32.74 6.39
C LEU A 86 26.08 34.26 6.31
N PRO A 87 26.14 34.87 5.13
CA PRO A 87 26.16 36.35 5.10
C PRO A 87 24.98 36.96 5.86
N SER A 88 23.77 36.43 5.66
CA SER A 88 22.61 36.90 6.40
C SER A 88 22.87 36.89 7.90
N ILE A 89 23.44 35.79 8.40
CA ILE A 89 23.80 35.70 9.80
C ILE A 89 24.77 36.81 10.17
N LEU A 90 25.84 36.97 9.38
CA LEU A 90 26.83 37.99 9.66
C LEU A 90 26.21 39.38 9.67
N SER A 91 25.25 39.63 8.78
N SER A 91 25.22 39.61 8.81
CA SER A 91 24.67 40.97 8.71
CA SER A 91 24.60 40.94 8.73
C SER A 91 23.80 41.29 9.92
C SER A 91 23.78 41.25 9.98
N ASN A 92 23.24 40.27 10.58
N ASN A 92 23.23 40.23 10.62
CA ASN A 92 22.41 40.48 11.75
CA ASN A 92 22.40 40.41 11.80
C ASN A 92 23.21 40.88 12.98
C ASN A 92 23.22 40.77 13.04
N LEU A 93 24.49 40.54 13.02
N LEU A 93 24.54 40.78 12.94
CA LEU A 93 25.33 40.87 14.16
CA LEU A 93 25.41 41.13 14.06
C LEU A 93 25.82 42.31 14.13
C LEU A 93 26.01 42.52 13.92
N VAL A 94 25.29 43.15 13.26
N VAL A 94 25.43 43.37 13.07
CA VAL A 94 25.70 44.54 13.15
CA VAL A 94 25.94 44.72 12.87
C VAL A 94 24.48 45.41 12.90
C VAL A 94 24.75 45.64 12.58
N PRO A 95 24.29 46.52 13.64
N PRO A 95 24.29 46.43 13.55
CA PRO A 95 23.16 47.41 13.34
CA PRO A 95 23.17 47.35 13.28
C PRO A 95 23.52 48.45 12.29
C PRO A 95 23.53 48.41 12.25
N ARG A 96 22.63 48.65 11.31
CA ARG A 96 22.84 49.61 10.25
C ARG A 96 22.32 50.97 10.68
N LYS B 2 -31.08 -34.28 3.21
N LYS B 2 -31.14 -34.24 3.26
CA LYS B 2 -29.96 -33.57 3.78
CA LYS B 2 -30.00 -33.56 3.85
C LYS B 2 -28.76 -33.54 2.84
C LYS B 2 -28.78 -33.60 2.95
N ASP B 3 -28.56 -34.60 2.05
N ASP B 3 -28.80 -34.40 1.90
CA ASP B 3 -27.47 -34.60 1.10
CA ASP B 3 -27.71 -34.41 0.93
C ASP B 3 -27.66 -33.52 0.05
C ASP B 3 -27.80 -33.19 0.01
N LYS B 4 -28.86 -33.44 -0.54
N LYS B 4 -28.99 -32.92 -0.53
CA LYS B 4 -29.17 -32.32 -1.43
CA LYS B 4 -29.16 -31.73 -1.36
C LYS B 4 -29.18 -31.00 -0.66
C LYS B 4 -29.08 -30.47 -0.52
N GLU B 5 -29.54 -31.05 0.62
N GLU B 5 -29.67 -30.48 0.67
CA GLU B 5 -29.56 -29.84 1.44
CA GLU B 5 -29.52 -29.36 1.60
C GLU B 5 -28.15 -29.29 1.62
C GLU B 5 -28.05 -28.98 1.74
N PHE B 6 -27.22 -30.16 2.04
N PHE B 6 -27.21 -29.96 2.10
CA PHE B 6 -25.83 -29.73 2.18
CA PHE B 6 -25.79 -29.72 2.18
C PHE B 6 -25.28 -29.21 0.85
C PHE B 6 -25.24 -29.21 0.85
N GLN B 7 -25.60 -29.89 -0.25
CA GLN B 7 -25.13 -29.47 -1.56
C GLN B 7 -25.55 -28.04 -1.87
N VAL B 8 -26.82 -27.70 -1.60
CA VAL B 8 -27.28 -26.35 -1.92
C VAL B 8 -26.52 -25.34 -1.07
N LEU B 9 -26.42 -25.58 0.23
CA LEU B 9 -25.65 -24.68 1.09
C LEU B 9 -24.20 -24.59 0.62
N PHE B 10 -23.63 -25.71 0.18
CA PHE B 10 -22.31 -25.70 -0.45
C PHE B 10 -22.28 -24.66 -1.58
N VAL B 11 -23.20 -24.79 -2.53
CA VAL B 11 -23.19 -23.95 -3.73
C VAL B 11 -23.39 -22.49 -3.34
N LEU B 12 -24.33 -22.21 -2.44
CA LEU B 12 -24.58 -20.84 -2.04
C LEU B 12 -23.37 -20.22 -1.37
N THR B 13 -22.67 -20.99 -0.54
CA THR B 13 -21.51 -20.45 0.16
C THR B 13 -20.38 -20.14 -0.82
N ILE B 14 -20.09 -21.06 -1.74
CA ILE B 14 -19.09 -20.79 -2.77
C ILE B 14 -19.47 -19.54 -3.55
N LEU B 15 -20.72 -19.45 -3.98
CA LEU B 15 -21.19 -18.30 -4.75
C LEU B 15 -21.01 -17.01 -3.96
N THR B 16 -21.24 -17.06 -2.65
CA THR B 16 -21.06 -15.87 -1.82
C THR B 16 -19.59 -15.47 -1.73
N LEU B 17 -18.70 -16.45 -1.68
CA LEU B 17 -17.27 -16.15 -1.63
C LEU B 17 -16.76 -15.64 -2.98
N ILE B 18 -17.36 -16.11 -4.08
CA ILE B 18 -16.99 -15.60 -5.39
C ILE B 18 -17.40 -14.14 -5.52
N SER B 19 -18.57 -13.78 -4.98
N SER B 19 -18.57 -13.79 -4.99
CA SER B 19 -19.00 -12.39 -5.00
CA SER B 19 -19.00 -12.40 -5.01
C SER B 19 -17.97 -11.49 -4.33
C SER B 19 -17.96 -11.49 -4.34
N GLY B 20 -17.49 -11.89 -3.15
CA GLY B 20 -16.46 -11.10 -2.48
C GLY B 20 -15.16 -11.09 -3.26
N THR B 21 -14.82 -12.22 -3.88
CA THR B 21 -13.60 -12.29 -4.67
C THR B 21 -13.65 -11.29 -5.82
N ILE B 22 -14.79 -11.27 -6.54
CA ILE B 22 -14.94 -10.33 -7.65
C ILE B 22 -14.82 -8.90 -7.15
N PHE B 23 -15.52 -8.58 -6.07
CA PHE B 23 -15.56 -7.20 -5.60
C PHE B 23 -14.16 -6.73 -5.18
N TYR B 24 -13.56 -7.45 -4.22
N TYR B 24 -13.55 -7.45 -4.22
CA TYR B 24 -12.31 -7.00 -3.64
CA TYR B 24 -12.29 -6.97 -3.65
C TYR B 24 -11.16 -7.08 -4.64
C TYR B 24 -11.18 -6.98 -4.68
N SER B 25 -11.23 -8.02 -5.59
N SER B 25 -11.18 -7.95 -5.59
CA SER B 25 -10.19 -8.02 -6.62
CA SER B 25 -10.19 -7.93 -6.67
C SER B 25 -10.29 -6.75 -7.46
C SER B 25 -10.33 -6.66 -7.49
N THR B 26 -11.51 -6.39 -7.88
N THR B 26 -11.55 -6.37 -7.95
CA THR B 26 -11.66 -5.32 -8.86
CA THR B 26 -11.75 -5.29 -8.90
C THR B 26 -11.69 -3.93 -8.21
C THR B 26 -11.72 -3.92 -8.23
N VAL B 27 -12.30 -3.80 -7.04
CA VAL B 27 -12.42 -2.49 -6.41
C VAL B 27 -11.23 -2.19 -5.51
N GLU B 28 -10.65 -3.19 -4.87
CA GLU B 28 -9.47 -3.02 -4.05
C GLU B 28 -8.19 -3.43 -4.76
N GLY B 29 -8.27 -3.84 -6.01
N GLY B 29 -8.30 -3.79 -6.02
CA GLY B 29 -7.08 -4.24 -6.73
CA GLY B 29 -7.15 -4.30 -6.75
C GLY B 29 -6.28 -5.32 -6.02
C GLY B 29 -6.34 -5.29 -5.97
N LEU B 30 -6.98 -6.29 -5.45
N LEU B 30 -7.02 -6.32 -5.48
CA LEU B 30 -6.35 -7.46 -4.85
CA LEU B 30 -6.38 -7.46 -4.85
C LEU B 30 -6.32 -8.60 -5.86
C LEU B 30 -6.33 -8.61 -5.84
N ARG B 31 -5.33 -9.48 -5.70
CA ARG B 31 -5.27 -10.68 -6.52
C ARG B 31 -6.51 -11.54 -6.27
N PRO B 32 -7.02 -12.23 -7.29
CA PRO B 32 -8.19 -13.10 -7.05
C PRO B 32 -7.98 -14.07 -5.90
N ILE B 33 -6.80 -14.68 -5.81
CA ILE B 33 -6.54 -15.63 -4.73
C ILE B 33 -6.53 -14.92 -3.39
N ASP B 34 -5.91 -13.74 -3.30
CA ASP B 34 -5.93 -12.99 -2.06
C ASP B 34 -7.33 -12.47 -1.73
N ALA B 35 -8.15 -12.22 -2.75
CA ALA B 35 -9.52 -11.75 -2.50
C ALA B 35 -10.40 -12.87 -2.00
N LEU B 36 -10.24 -14.08 -2.53
CA LEU B 36 -10.93 -15.23 -1.97
C LEU B 36 -10.49 -15.47 -0.53
N TYR B 37 -9.16 -15.50 -0.31
CA TYR B 37 -8.63 -15.67 1.04
C TYR B 37 -9.15 -14.61 2.00
N PHE B 38 -9.20 -13.36 1.55
CA PHE B 38 -9.71 -12.30 2.41
C PHE B 38 -11.21 -12.48 2.69
N SER B 39 -11.96 -12.92 1.68
CA SER B 39 -13.40 -13.12 1.88
C SER B 39 -13.65 -14.17 2.94
N VAL B 40 -12.99 -15.32 2.84
CA VAL B 40 -13.21 -16.41 3.79
C VAL B 40 -12.85 -15.95 5.20
N VAL B 41 -11.68 -15.33 5.34
CA VAL B 41 -11.23 -14.90 6.66
C VAL B 41 -12.18 -13.88 7.24
N THR B 42 -12.78 -13.07 6.39
CA THR B 42 -13.74 -12.08 6.86
C THR B 42 -15.00 -12.78 7.39
N LEU B 43 -15.64 -13.58 6.55
CA LEU B 43 -16.96 -14.10 6.90
C LEU B 43 -16.91 -15.15 8.01
N THR B 44 -15.79 -15.86 8.18
CA THR B 44 -15.67 -16.73 9.34
C THR B 44 -15.27 -15.96 10.59
N THR B 45 -15.12 -14.64 10.49
CA THR B 45 -14.86 -13.71 11.57
C THR B 45 -13.48 -13.85 12.18
N VAL B 46 -12.56 -14.58 11.55
CA VAL B 46 -11.18 -14.58 11.99
C VAL B 46 -10.60 -13.16 11.91
N GLY B 47 -10.68 -12.54 10.73
CA GLY B 47 -10.22 -11.17 10.55
C GLY B 47 -8.77 -10.92 10.90
N TYR B 48 -7.84 -11.60 10.21
CA TYR B 48 -6.42 -11.42 10.49
C TYR B 48 -6.01 -9.95 10.39
N GLY B 49 -6.55 -9.24 9.41
CA GLY B 49 -6.15 -7.87 9.17
C GLY B 49 -4.93 -7.71 8.28
N ASP B 50 -4.28 -8.80 7.85
CA ASP B 50 -3.21 -8.65 6.87
C ASP B 50 -3.74 -8.00 5.59
N PHE B 51 -4.98 -8.28 5.24
CA PHE B 51 -5.73 -7.52 4.24
C PHE B 51 -6.94 -6.88 4.91
N SER B 52 -7.26 -5.65 4.52
CA SER B 52 -8.47 -4.97 4.98
C SER B 52 -8.81 -3.88 3.98
N PRO B 53 -10.08 -3.50 3.87
CA PRO B 53 -10.47 -2.54 2.82
C PRO B 53 -9.88 -1.15 3.07
N GLN B 54 -9.36 -0.54 2.00
CA GLN B 54 -8.78 0.80 2.09
C GLN B 54 -9.65 1.92 1.51
N THR B 55 -10.63 1.60 0.68
CA THR B 55 -11.50 2.60 0.08
C THR B 55 -12.83 2.67 0.82
N ASP B 56 -13.45 3.85 0.79
CA ASP B 56 -14.76 4.01 1.43
C ASP B 56 -15.75 3.00 0.87
N PHE B 57 -15.83 2.88 -0.47
CA PHE B 57 -16.76 1.93 -1.06
C PHE B 57 -16.46 0.51 -0.59
N GLY B 58 -15.18 0.15 -0.49
CA GLY B 58 -14.82 -1.16 0.02
C GLY B 58 -15.24 -1.33 1.46
N LYS B 59 -15.12 -0.29 2.27
CA LYS B 59 -15.60 -0.35 3.65
C LYS B 59 -17.11 -0.49 3.71
N ILE B 60 -17.84 0.27 2.89
N ILE B 60 -17.84 0.27 2.89
CA ILE B 60 -19.28 0.17 2.89
CA ILE B 60 -19.29 0.16 2.89
C ILE B 60 -19.72 -1.23 2.46
C ILE B 60 -19.71 -1.24 2.47
N PHE B 61 -19.08 -1.79 1.43
CA PHE B 61 -19.44 -3.13 0.98
C PHE B 61 -19.06 -4.18 2.03
N THR B 62 -17.90 -4.02 2.68
CA THR B 62 -17.51 -4.96 3.73
C THR B 62 -18.59 -5.06 4.80
N ILE B 63 -19.18 -3.93 5.19
CA ILE B 63 -20.22 -3.95 6.21
C ILE B 63 -21.39 -4.82 5.75
N LEU B 64 -21.97 -4.50 4.60
CA LEU B 64 -23.10 -5.29 4.09
C LEU B 64 -22.69 -6.74 3.90
N TYR B 65 -21.55 -6.97 3.26
CA TYR B 65 -21.05 -8.32 3.04
C TYR B 65 -21.03 -9.14 4.33
N ILE B 66 -20.50 -8.56 5.41
CA ILE B 66 -20.43 -9.25 6.69
C ILE B 66 -21.83 -9.66 7.17
N PHE B 67 -22.76 -8.71 7.20
CA PHE B 67 -24.08 -9.01 7.74
C PHE B 67 -24.80 -10.04 6.85
N ILE B 68 -24.60 -9.95 5.54
CA ILE B 68 -25.32 -10.82 4.60
C ILE B 68 -24.69 -12.21 4.51
N GLY B 69 -23.42 -12.35 4.82
CA GLY B 69 -22.72 -13.61 4.60
C GLY B 69 -22.52 -14.50 5.82
N ILE B 70 -22.39 -13.88 7.00
CA ILE B 70 -22.10 -14.64 8.22
C ILE B 70 -23.10 -15.77 8.40
N GLY B 71 -24.39 -15.45 8.43
CA GLY B 71 -25.38 -16.48 8.65
C GLY B 71 -25.27 -17.60 7.63
N LEU B 72 -25.00 -17.24 6.38
CA LEU B 72 -24.72 -18.20 5.33
C LEU B 72 -23.51 -19.07 5.69
N VAL B 73 -22.34 -18.44 5.86
CA VAL B 73 -21.12 -19.23 6.05
C VAL B 73 -21.23 -20.11 7.29
N PHE B 74 -21.74 -19.54 8.37
N PHE B 74 -21.74 -19.51 8.36
CA PHE B 74 -21.86 -20.37 9.57
CA PHE B 74 -21.93 -20.29 9.59
C PHE B 74 -22.89 -21.47 9.33
C PHE B 74 -22.86 -21.47 9.30
N GLY B 75 -24.07 -21.26 8.70
CA GLY B 75 -25.05 -22.31 8.48
C GLY B 75 -24.47 -23.49 7.72
N PHE B 76 -23.52 -23.22 6.84
CA PHE B 76 -22.84 -24.28 6.10
C PHE B 76 -21.91 -25.07 7.02
N ILE B 77 -21.12 -24.38 7.84
CA ILE B 77 -20.26 -25.10 8.75
C ILE B 77 -21.12 -25.96 9.69
N HIS B 78 -22.24 -25.40 10.14
N HIS B 78 -22.25 -25.41 10.16
CA HIS B 78 -23.13 -26.15 11.06
CA HIS B 78 -23.13 -26.18 11.09
C HIS B 78 -23.56 -27.44 10.36
C HIS B 78 -23.62 -27.44 10.38
N LYS B 79 -23.94 -27.34 9.09
CA LYS B 79 -24.35 -28.51 8.29
C LYS B 79 -23.18 -29.48 8.05
N LEU B 80 -22.02 -28.96 7.66
CA LEU B 80 -20.85 -29.81 7.48
C LEU B 80 -20.58 -30.60 8.75
N ALA B 81 -20.63 -29.93 9.90
CA ALA B 81 -20.22 -30.56 11.14
C ALA B 81 -21.16 -31.69 11.54
N VAL B 82 -22.46 -31.46 11.44
CA VAL B 82 -23.41 -32.43 11.98
C VAL B 82 -23.78 -33.50 10.95
N ASN B 83 -23.83 -33.14 9.67
CA ASN B 83 -24.30 -34.07 8.66
C ASN B 83 -23.18 -34.69 7.85
N VAL B 84 -21.93 -34.26 8.05
CA VAL B 84 -20.82 -34.84 7.29
C VAL B 84 -19.71 -35.29 8.23
N GLN B 85 -19.17 -34.36 9.02
CA GLN B 85 -18.03 -34.71 9.87
C GLN B 85 -18.43 -35.70 10.95
N LEU B 86 -19.60 -35.51 11.56
CA LEU B 86 -20.01 -36.40 12.65
C LEU B 86 -20.24 -37.83 12.15
N PRO B 87 -21.04 -38.07 11.12
CA PRO B 87 -21.18 -39.46 10.63
C PRO B 87 -19.84 -40.08 10.25
N SER B 88 -18.96 -39.32 9.61
CA SER B 88 -17.63 -39.81 9.32
C SER B 88 -16.91 -40.25 10.58
N ILE B 89 -16.97 -39.43 11.63
CA ILE B 89 -16.26 -39.73 12.87
C ILE B 89 -16.79 -41.02 13.47
N LEU B 90 -18.11 -41.16 13.55
N LEU B 90 -18.11 -41.17 13.53
CA LEU B 90 -18.72 -42.34 14.15
CA LEU B 90 -18.71 -42.38 14.09
C LEU B 90 -18.36 -43.61 13.38
C LEU B 90 -18.31 -43.61 13.29
N SER B 91 -18.33 -43.53 12.05
N SER B 91 -18.33 -43.51 11.95
CA SER B 91 -17.96 -44.69 11.25
CA SER B 91 -17.92 -44.63 11.12
C SER B 91 -16.53 -45.12 11.54
C SER B 91 -16.49 -45.07 11.46
N ASN B 92 -15.63 -44.16 11.70
N ASN B 92 -15.61 -44.10 11.72
CA ASN B 92 -14.24 -44.48 12.01
CA ASN B 92 -14.22 -44.41 12.04
C ASN B 92 -14.01 -44.88 13.46
C ASN B 92 -14.02 -44.85 13.47
N LEU B 93 -15.07 -44.92 14.28
CA LEU B 93 -14.98 -45.43 15.65
C LEU B 93 -15.48 -46.87 15.77
N VAL B 94 -16.05 -47.43 14.72
CA VAL B 94 -16.54 -48.80 14.72
C VAL B 94 -15.35 -49.75 14.86
N PRO B 95 -15.32 -50.63 15.86
N PRO B 95 -15.33 -50.64 15.87
CA PRO B 95 -14.26 -51.63 15.93
CA PRO B 95 -14.26 -51.64 15.95
C PRO B 95 -14.57 -52.87 15.10
C PRO B 95 -14.59 -52.84 15.07
N ARG B 96 -13.51 -53.47 14.58
N ARG B 96 -13.75 -53.08 14.06
CA ARG B 96 -13.61 -54.70 13.81
CA ARG B 96 -13.99 -54.14 13.09
C ARG B 96 -12.56 -55.70 14.29
C ARG B 96 -13.00 -55.29 13.28
C1 GLC C . -29.96 -34.24 15.05
C2 GLC C . -30.15 -34.52 13.54
C3 GLC C . -29.64 -33.36 12.66
C4 GLC C . -30.26 -32.00 13.04
C5 GLC C . -30.38 -31.79 14.59
C6 GLC C . -31.63 -30.97 15.06
O1 GLC C . -28.57 -34.31 15.44
O2 GLC C . -29.52 -35.78 13.16
O3 GLC C . -29.89 -33.64 11.26
O4 GLC C . -29.50 -30.94 12.37
O5 GLC C . -30.49 -32.97 15.41
O6 GLC C . -31.82 -30.91 16.50
H1 GLC C . -30.49 -35.00 15.66
H2 GLC C . -31.23 -34.65 13.34
H3 GLC C . -28.54 -33.29 12.82
H4 GLC C . -31.30 -31.99 12.64
H5 GLC C . -29.47 -31.28 14.96
H61 GLC C . -31.57 -29.95 14.69
H62 GLC C . -32.54 -31.37 14.59
HO1 GLC C . -28.17 -33.43 15.43
HO2 GLC C . -28.54 -35.76 13.29
HO3 GLC C . -29.61 -34.53 10.96
HO6 GLC C . -31.69 -31.77 16.94
C1 GLC C . -30.03 -29.64 12.08
C2 GLC C . -29.56 -29.17 10.66
C3 GLC C . -29.13 -27.67 10.73
C4 GLC C . -30.15 -26.93 11.62
C5 GLC C . -29.92 -27.39 13.09
C6 GLC C . -31.13 -27.09 14.00
O2 GLC C . -28.49 -29.93 10.07
O3 GLC C . -29.09 -27.01 9.44
O4 GLC C . -30.09 -25.48 11.47
O5 GLC C . -29.56 -28.79 13.13
O6 GLC C . -30.83 -27.23 15.41
H1 GLC C . -31.13 -29.67 12.16
H2 GLC C . -30.40 -29.24 9.95
H3 GLC C . -28.13 -27.60 11.23
H4 GLC C . -31.18 -27.19 11.31
H5 GLC C . -29.03 -26.86 13.48
H61 GLC C . -31.99 -27.73 13.73
H62 GLC C . -31.47 -26.06 13.86
HO2 GLC C . -28.47 -30.87 10.33
HO3 GLC C . -28.24 -27.04 8.97
HO4 GLC C . -29.20 -25.13 11.62
HO6 GLC C . -30.35 -28.05 15.63
C1 MPD D . 22.32 5.28 -19.02
C2 MPD D . 21.58 3.95 -19.02
O2 MPD D . 20.24 4.22 -19.49
CM MPD D . 22.26 2.96 -19.95
C3 MPD D . 21.53 3.39 -17.60
C4 MPD D . 20.19 2.72 -17.27
O4 MPD D . 19.30 2.83 -18.36
C5 MPD D . 20.37 1.25 -16.92
H11 MPD D . 22.99 5.34 -18.16
H12 MPD D . 21.61 6.10 -18.98
H13 MPD D . 22.91 5.37 -19.94
HO2 MPD D . 19.67 4.51 -18.75
HM1 MPD D . 22.22 1.97 -19.51
HM2 MPD D . 23.29 3.25 -20.11
HM3 MPD D . 21.73 2.95 -20.91
H31 MPD D . 22.32 2.65 -17.49
H32 MPD D . 21.72 4.18 -16.89
H4 MPD D . 19.78 3.24 -16.40
HO4 MPD D . 19.52 2.16 -19.03
H51 MPD D . 19.56 0.68 -17.36
H52 MPD D . 20.36 1.13 -15.83
H53 MPD D . 21.32 0.90 -17.31
C1 MPD E . 27.11 20.34 2.44
C2 MPD E . 26.62 20.12 3.87
O2 MPD E . 25.45 19.28 3.80
CM MPD E . 27.68 19.38 4.69
C3 MPD E . 26.27 21.40 4.60
C4 MPD E . 27.34 22.49 4.55
O4 MPD E . 26.77 23.63 5.18
C5 MPD E . 28.67 22.22 5.22
H11 MPD E . 27.91 21.07 2.44
H12 MPD E . 26.28 20.69 1.83
H13 MPD E . 27.48 19.39 2.03
HO2 MPD E . 24.70 19.73 4.24
HM1 MPD E . 27.59 19.66 5.74
HM2 MPD E . 28.67 19.66 4.32
HM3 MPD E . 27.53 18.31 4.58
H31 MPD E . 26.08 21.16 5.65
H32 MPD E . 25.34 21.80 4.18
H4 MPD E . 27.58 22.61 3.49
HO4 MPD E . 27.01 24.44 4.69
H51 MPD E . 29.08 23.16 5.62
H52 MPD E . 29.36 21.80 4.49
H53 MPD E . 28.52 21.52 6.05
C1 MPD F . 0.91 3.78 2.51
C1 MPD F . -1.32 5.78 -2.27
C2 MPD F . 0.09 3.89 1.23
C2 MPD F . -0.57 4.45 -2.31
O2 MPD F . -0.73 5.08 1.30
O2 MPD F . 0.27 4.46 -3.50
CM MPD F . 1.02 4.01 0.03
CM MPD F . 0.32 4.31 -1.08
C3 MPD F . -0.80 2.66 1.07
C3 MPD F . -1.55 3.29 -2.40
C4 MPD F . -2.00 2.69 2.01
C4 MPD F . -0.96 2.09 -3.12
O4 MPD F . -1.90 3.78 2.91
O4 MPD F . -1.20 0.93 -2.35
C5 MPD F . -3.29 2.79 1.21
C5 MPD F . -1.56 1.92 -4.51
H11 MPD F . 0.49 3.01 3.15
H11 MPD F . -2.34 5.60 -1.94
H12 MPD F . 0.90 4.74 3.03
H12 MPD F . -1.32 6.22 -3.27
H13 MPD F . 1.94 3.51 2.26
H13 MPD F . -0.82 6.46 -1.57
HO2 MPD F . -1.62 4.88 0.94
HO2 MPD F . -0.22 4.09 -4.25
HM1 MPD F . 1.09 3.05 -0.47
HM1 MPD F . 0.28 3.28 -0.71
HM2 MPD F . 2.01 4.32 0.37
HM2 MPD F . -0.02 4.98 -0.30
HM3 MPD F . 0.63 4.76 -0.66
HM3 MPD F . 1.35 4.56 -1.34
H31 MPD F . -1.14 2.60 0.04
H31 MPD F . -1.85 3.00 -1.40
H32 MPD F . -0.21 1.77 1.27
H32 MPD F . -2.44 3.63 -2.93
H4 MPD F . -2.00 1.76 2.58
H4 MPD F . 0.11 2.24 -3.24
HO4 MPD F . -2.49 4.50 2.60
HO4 MPD F . -2.17 0.88 -2.14
H51 MPD F . -4.00 3.42 1.75
H51 MPD F . -2.25 1.07 -4.51
H52 MPD F . -3.72 1.79 1.07
H52 MPD F . -0.75 1.73 -5.23
H53 MPD F . -3.08 3.22 0.23
H53 MPD F . -2.08 2.83 -4.79
C1 MPD G . 13.50 24.09 -1.29
C2 MPD G . 13.22 24.15 -2.79
O2 MPD G . 12.78 25.49 -3.14
CM MPD G . 14.50 23.86 -3.55
C3 MPD G . 12.13 23.14 -3.19
C4 MPD G . 10.75 23.63 -2.78
O4 MPD G . 10.87 24.88 -2.13
C5 MPD G . 9.82 23.77 -3.98
H11 MPD G . 12.85 23.35 -0.83
H12 MPD G . 13.30 25.07 -0.84
H13 MPD G . 14.53 23.82 -1.13
HO2 MPD G . 12.04 25.43 -3.79
HM1 MPD G . 14.29 23.86 -4.62
HM2 MPD G . 14.88 22.88 -3.26
HM3 MPD G . 15.25 24.63 -3.33
H31 MPD G . 12.16 23.00 -4.27
H32 MPD G . 12.34 22.19 -2.72
H4 MPD G . 10.31 22.90 -2.09
HO4 MPD G . 9.98 25.23 -1.93
H51 MPD G . 9.66 24.82 -4.20
H52 MPD G . 8.86 23.29 -3.75
H53 MPD G . 10.28 23.28 -4.84
C1 MPD H . 34.55 35.12 13.92
C2 MPD H . 35.28 36.29 13.27
O2 MPD H . 36.11 35.79 12.19
CM MPD H . 34.25 37.25 12.71
C3 MPD H . 36.16 37.01 14.28
C4 MPD H . 37.43 36.22 14.60
O4 MPD H . 37.34 34.92 14.06
C5 MPD H . 38.66 36.92 14.04
H11 MPD H . 35.03 34.88 14.88
H12 MPD H . 34.60 34.24 13.27
H13 MPD H . 33.50 35.39 14.09
HO2 MPD H . 36.95 36.29 12.17
HM1 MPD H . 34.13 38.10 13.38
HM2 MPD H . 33.29 36.74 12.58
HM3 MPD H . 34.59 37.62 11.73
H31 MPD H . 36.43 37.99 13.89
H32 MPD H . 35.60 37.15 15.21
H4 MPD H . 37.53 36.15 15.68
HO4 MPD H . 37.79 34.90 13.18
H51 MPD H . 39.35 36.18 13.64
H52 MPD H . 39.16 37.47 14.84
H53 MPD H . 38.37 37.61 13.25
K K I . 13.71 4.52 8.10
K K J . 16.76 6.53 7.26
K K K . 19.07 8.06 6.63
K K L . 21.82 9.88 5.87
K K M . 29.36 14.84 3.79
K K N . 9.06 1.45 9.38
C1 MPD O . -15.94 -24.94 1.01
C2 MPD O . -14.47 -25.28 1.06
O2 MPD O . -14.35 -26.44 0.23
CM MPD O . -13.59 -24.20 0.43
C3 MPD O . -14.04 -25.66 2.49
C4 MPD O . -14.79 -26.90 2.94
O4 MPD O . -14.64 -27.91 2.02
C5 MPD O . -14.45 -27.54 4.24
H11 MPD O . -16.52 -25.79 1.33
H12 MPD O . -16.21 -24.67 -0.01
H13 MPD O . -16.13 -24.09 1.67
HO2 MPD O . -13.82 -27.13 0.69
HM1 MPD O . -12.83 -23.91 1.15
HM2 MPD O . -14.21 -23.33 0.18
HM3 MPD O . -13.12 -24.59 -0.47
H31 MPD O . -12.97 -25.85 2.51
H32 MPD O . -14.26 -24.83 3.16
H4 MPD O . -15.78 -26.49 3.07
HO4 MPD O . -15.51 -28.34 1.85
H51 MPD O . -14.20 -28.58 4.07
H52 MPD O . -15.31 -27.47 4.91
H53 MPD O . -13.59 -27.03 4.69
C1 MPD P . -25.24 -11.19 -1.97
C2 MPD P . -23.85 -10.89 -2.54
O2 MPD P . -22.84 -11.26 -1.59
CM MPD P . -23.65 -11.71 -3.82
C3 MPD P . -23.71 -9.40 -2.84
C4 MPD P . -23.76 -8.61 -1.53
O4 MPD P . -22.88 -9.18 -0.59
C5 MPD P . -23.39 -7.15 -1.77
H11 MPD P . -25.91 -10.35 -2.18
H12 MPD P . -25.16 -11.33 -0.89
H13 MPD P . -25.63 -12.09 -2.43
HO2 MPD P . -22.18 -10.54 -1.50
HM1 MPD P . -23.06 -11.12 -4.53
HM2 MPD P . -24.61 -11.95 -4.25
HM3 MPD P . -23.11 -12.62 -3.57
H31 MPD P . -22.76 -9.21 -3.35
H32 MPD P . -24.51 -9.07 -3.50
H4 MPD P . -24.77 -8.64 -1.15
HO4 MPD P . -21.99 -8.81 -0.71
H51 MPD P . -22.58 -6.87 -1.09
H52 MPD P . -24.26 -6.52 -1.59
H53 MPD P . -23.05 -7.02 -2.80
C1 MPD Q . 0.00 -5.82 0.32
C2 MPD Q . 0.58 -7.23 0.37
O2 MPD Q . -0.20 -8.05 1.27
CM MPD Q . 0.48 -7.84 -1.03
C3 MPD Q . 2.03 -7.25 0.85
C4 MPD Q . 2.24 -6.61 2.21
O4 MPD Q . 1.01 -6.23 2.80
C5 MPD Q . 2.96 -7.52 3.19
H11 MPD Q . 0.72 -5.13 0.78
H12 MPD Q . -0.93 -5.79 0.87
H13 MPD Q . -0.17 -5.52 -0.71
HO2 MPD Q . 0.39 -8.46 1.94
HM1 MPD Q . 1.30 -8.55 -1.16
HM2 MPD Q . 0.58 -7.05 -1.78
HM3 MPD Q . -0.47 -8.35 -1.15
H31 MPD Q . 2.37 -8.29 0.89
H32 MPD Q . 2.64 -6.72 0.11
H4 MPD Q . 2.84 -5.72 2.02
HO4 MPD Q . 0.61 -7.01 3.26
H51 MPD Q . 2.51 -7.45 4.17
H52 MPD Q . 4.01 -7.22 3.25
H53 MPD Q . 2.90 -8.55 2.83
C1 MPD R . -27.83 -19.96 6.21
C2 MPD R . -29.34 -20.23 6.09
O2 MPD R . -30.06 -19.38 7.03
CM MPD R . -29.78 -19.86 4.68
C3 MPD R . -29.68 -21.70 6.37
C4 MPD R . -29.20 -22.17 7.72
O4 MPD R . -29.94 -21.53 8.75
C5 MPD R . -29.37 -23.68 7.87
H11 MPD R . -27.29 -20.87 6.00
H12 MPD R . -27.61 -19.62 7.22
H13 MPD R . -27.55 -19.18 5.50
HO2 MPD R . -30.61 -19.95 7.62
HM1 MPD R . -30.47 -20.62 4.32
HM2 MPD R . -28.91 -19.82 4.03
HM3 MPD R . -30.28 -18.90 4.69
H31 MPD R . -30.76 -21.83 6.30
H32 MPD R . -29.22 -22.32 5.59
H4 MPD R . -28.15 -21.92 7.81
HO4 MPD R . -30.88 -21.77 8.68
H51 MPD R . -30.00 -23.90 8.74
H52 MPD R . -28.40 -24.14 8.02
H53 MPD R . -29.83 -24.09 6.97
C1 MPD S . -21.15 -8.00 -15.54
C2 MPD S . -21.14 -8.24 -14.03
O2 MPD S . -22.01 -7.26 -13.41
CM MPD S . -21.69 -9.62 -13.73
C3 MPD S . -19.72 -8.12 -13.47
C4 MPD S . -19.21 -6.69 -13.54
O4 MPD S . -20.27 -5.81 -13.31
C5 MPD S . -18.11 -6.43 -12.52
H11 MPD S . -20.13 -8.05 -15.93
H12 MPD S . -21.57 -7.02 -15.76
H13 MPD S . -21.75 -8.76 -16.03
HO2 MPD S . -21.57 -6.90 -12.61
HM1 MPD S . -21.02 -10.14 -13.04
HM2 MPD S . -21.76 -10.20 -14.65
HM3 MPD S . -22.67 -9.53 -13.27
H31 MPD S . -19.74 -8.45 -12.43
H32 MPD S . -19.06 -8.78 -14.03
H4 MPD S . -18.78 -6.55 -14.53
HO4 MPD S . -20.29 -5.56 -12.36
H51 MPD S . -18.40 -5.58 -11.89
H52 MPD S . -17.18 -6.20 -13.03
H53 MPD S . -17.98 -7.31 -11.88
C1 MPD T . -10.51 -18.33 -10.01
C2 MPD T . -11.06 -17.63 -8.81
O2 MPD T . -10.43 -16.34 -8.94
CM MPD T . -12.57 -17.41 -8.81
C3 MPD T . -10.57 -18.43 -7.60
C4 MPD T . -9.27 -19.22 -7.84
O4 MPD T . -8.14 -18.57 -7.33
C5 MPD T . -9.40 -20.66 -7.37
H11 MPD T . -9.42 -18.22 -10.03
H12 MPD T . -10.93 -17.90 -10.92
H13 MPD T . -10.75 -19.39 -9.96
HO2 MPD T . -9.80 -16.22 -8.21
HM1 MPD T . -12.86 -16.94 -7.86
HM2 MPD T . -13.08 -18.36 -8.92
HM3 MPD T . -12.84 -16.76 -9.63
H31 MPD T . -10.40 -17.72 -6.78
H32 MPD T . -11.35 -19.12 -7.30
H4 MPD T . -9.11 -19.25 -8.92
HO4 MPD T . -7.87 -17.86 -7.94
H51 MPD T . -8.46 -20.98 -6.94
H52 MPD T . -9.65 -21.30 -8.22
H53 MPD T . -10.19 -20.73 -6.63
C1 MPD U . -12.01 -32.70 5.44
C2 MPD U . -12.43 -34.11 5.02
O2 MPD U . -13.74 -34.04 4.41
CM MPD U . -11.44 -34.66 4.00
C3 MPD U . -12.50 -35.02 6.24
C4 MPD U . -13.76 -34.76 7.04
O4 MPD U . -14.76 -35.66 6.61
C5 MPD U . -13.54 -34.93 8.54
H11 MPD U . -12.14 -32.60 6.53
H12 MPD U . -12.63 -31.97 4.94
H13 MPD U . -10.97 -32.54 5.18
HO2 MPD U . -14.27 -34.81 4.68
HM1 MPD U . -10.79 -35.39 4.48
HM2 MPD U . -10.85 -33.85 3.59
HM3 MPD U . -11.99 -35.15 3.19
H31 MPD U . -12.48 -36.06 5.92
H32 MPD U . -11.63 -34.85 6.87
H4 MPD U . -14.09 -33.73 6.87
HO4 MPD U . -14.55 -36.57 6.92
H51 MPD U . -14.31 -35.58 8.96
H52 MPD U . -13.58 -33.96 9.02
H53 MPD U . -12.56 -35.38 8.70
C1 MPD V . -7.84 -4.85 -11.30
C2 MPD V . -7.71 -6.15 -12.09
O2 MPD V . -8.54 -7.17 -11.49
CM MPD V . -8.30 -5.93 -13.47
C3 MPD V . -6.23 -6.56 -12.21
C4 MPD V . -5.53 -6.88 -10.89
O4 MPD V . -5.16 -5.66 -10.27
C5 MPD V . -6.40 -7.69 -9.93
H11 MPD V . -6.86 -4.38 -11.23
H12 MPD V . -8.22 -5.06 -10.31
H13 MPD V . -8.53 -4.18 -11.82
HO2 MPD V . -8.60 -7.01 -10.52
HM1 MPD V . -7.65 -5.27 -14.05
HM2 MPD V . -9.28 -5.48 -13.39
HM3 MPD V . -8.38 -6.89 -13.99
H31 MPD V . -6.17 -7.44 -12.85
H32 MPD V . -5.69 -5.76 -12.70
H4 MPD V . -4.66 -7.48 -11.11
HO4 MPD V . -4.47 -5.21 -10.82
H51 MPD V . -7.03 -7.02 -9.36
H52 MPD V . -5.76 -8.26 -9.26
H53 MPD V . -7.03 -8.37 -10.51
C1 MPD W . -25.51 -20.46 13.57
C2 MPD W . -26.32 -19.41 12.85
O2 MPD W . -27.06 -18.72 13.89
CM MPD W . -25.40 -18.40 12.17
C3 MPD W . -27.31 -20.05 11.89
C4 MPD W . -28.51 -19.16 11.56
O4 MPD W . -29.43 -19.18 12.60
C5 MPD W . -28.09 -17.72 11.26
H11 MPD W . -26.04 -21.41 13.54
H12 MPD W . -25.37 -20.16 14.61
H13 MPD W . -24.54 -20.56 13.09
HO2 MPD W . -27.98 -19.06 13.93
HM1 MPD W . -25.67 -17.39 12.49
HM2 MPD W . -25.51 -18.48 11.09
HM3 MPD W . -24.37 -18.61 12.46
H31 MPD W . -26.78 -20.32 10.98
H32 MPD W . -27.67 -20.98 12.34
H4 MPD W . -28.97 -19.57 10.66
HO4 MPD W . -29.82 -20.07 12.68
H51 MPD W . -28.98 -17.08 11.22
H52 MPD W . -27.57 -17.68 10.30
H53 MPD W . -27.42 -17.36 12.05
C1 MPD X . -10.84 7.80 -2.93
C2 MPD X . -10.62 6.52 -2.15
O2 MPD X . -10.28 5.46 -3.08
CM MPD X . -9.44 6.69 -1.19
C3 MPD X . -11.89 6.18 -1.37
C4 MPD X . -12.86 5.43 -2.28
O4 MPD X . -13.92 4.87 -1.54
C5 MPD X . -13.44 6.30 -3.39
H11 MPD X . -11.65 8.38 -2.47
H12 MPD X . -11.10 7.57 -3.96
H13 MPD X . -9.92 8.39 -2.91
HO2 MPD X . -10.42 4.59 -2.66
HM1 MPD X . -9.68 6.22 -0.24
HM2 MPD X . -9.26 7.76 -1.04
HM3 MPD X . -8.55 6.23 -1.62
H31 MPD X . -11.64 5.56 -0.50
H32 MPD X . -12.36 7.10 -1.00
H4 MPD X . -12.26 4.64 -2.74
HO4 MPD X . -14.74 5.40 -1.67
H51 MPD X . -14.46 5.97 -3.60
H52 MPD X . -12.83 6.20 -4.28
H53 MPD X . -13.46 7.34 -3.06
K K Y . -5.93 -8.44 13.52
K K Z . -9.05 -10.50 14.38
K K AA . -11.60 -12.18 15.08
K K BA . -14.58 -14.14 15.90
K K CA . -19.25 -17.22 17.19
K K DA . -2.38 -6.09 12.54
#